data_4Z0X
#
_entry.id   4Z0X
#
_cell.length_a   50.720
_cell.length_b   51.070
_cell.length_c   69.660
_cell.angle_alpha   90.000
_cell.angle_beta   90.000
_cell.angle_gamma   90.000
#
_symmetry.space_group_name_H-M   'P 21 21 21'
#
loop_
_entity.id
_entity.type
_entity.pdbx_description
1 polymer 'Antibody HC26AM light chain variable domain'
2 polymer 'Antibody HC26AM heavy chain variable domain'
3 polymer 'HCV E2 Antigen (residues 432-446)'
4 water water
#
loop_
_entity_poly.entity_id
_entity_poly.type
_entity_poly.pdbx_seq_one_letter_code
_entity_poly.pdbx_strand_id
1 'polypeptide(L)'
;YVLTQPPSVSVAPGQTASITCSGDKLGDKYVSWYQQRPGQSPVLVLYQDSKRPSGIPERFSGSNSGNTATLTISGTQAMD
EADYYCQAWDSSALVFGGGTKLTVL
;
A
2 'polypeptide(L)'
;VQPVQSGAEVKKPGSSVKVSCEASGGTHSNYVITWVRQAPGQGLEWMGGFIPDFRTAMYAQGFQGRVTITADESTSLAYM
ELTNLRSEDTAVYYCARGPLSRGYYDYWGPGTLVTVSSGST
;
B
3 'polypeptide(L)' TGWLAGLFYQHK C
#
# COMPACT_ATOMS: atom_id res chain seq x y z
N TYR A 1 -2.74 -14.15 -4.59
CA TYR A 1 -4.02 -13.61 -4.14
C TYR A 1 -4.30 -12.26 -4.84
N VAL A 2 -5.50 -12.10 -5.35
CA VAL A 2 -5.84 -10.95 -6.17
C VAL A 2 -6.98 -10.17 -5.54
N LEU A 3 -6.81 -8.85 -5.50
CA LEU A 3 -7.81 -7.89 -5.06
C LEU A 3 -8.14 -7.01 -6.26
N THR A 4 -9.41 -6.94 -6.62
CA THR A 4 -9.87 -6.16 -7.76
C THR A 4 -10.67 -4.95 -7.26
N GLN A 5 -10.41 -3.79 -7.85
CA GLN A 5 -11.23 -2.60 -7.64
C GLN A 5 -11.67 -2.03 -8.97
N PRO A 6 -12.82 -1.34 -9.01
CA PRO A 6 -13.17 -0.57 -10.20
C PRO A 6 -12.10 0.47 -10.48
N PRO A 7 -11.68 0.64 -11.74
CA PRO A 7 -10.63 1.61 -12.04
C PRO A 7 -11.03 3.05 -11.75
N SER A 8 -12.29 3.42 -11.88
CA SER A 8 -12.61 4.82 -11.67
C SER A 8 -14.04 4.99 -11.16
N VAL A 9 -14.21 6.02 -10.34
CA VAL A 9 -15.52 6.50 -9.90
C VAL A 9 -15.50 8.02 -10.06
N SER A 10 -16.61 8.58 -10.54
CA SER A 10 -16.70 10.00 -10.83
C SER A 10 -18.00 10.53 -10.24
N VAL A 11 -17.91 11.52 -9.34
CA VAL A 11 -19.03 11.94 -8.53
C VAL A 11 -19.03 13.46 -8.40
N ALA A 12 -20.23 14.05 -8.21
CA ALA A 12 -20.36 15.50 -8.02
C ALA A 12 -20.09 15.89 -6.57
N PRO A 13 -19.65 17.12 -6.31
CA PRO A 13 -19.43 17.53 -4.92
C PRO A 13 -20.70 17.36 -4.09
N GLY A 14 -20.53 16.76 -2.90
CA GLY A 14 -21.61 16.60 -1.96
C GLY A 14 -22.23 15.21 -1.94
N GLN A 15 -22.21 14.49 -3.05
CA GLN A 15 -22.81 13.16 -3.04
C GLN A 15 -21.83 12.13 -2.50
N THR A 16 -22.38 10.96 -2.18
CA THR A 16 -21.62 9.91 -1.53
C THR A 16 -21.03 8.96 -2.56
N ALA A 17 -19.76 8.63 -2.38
CA ALA A 17 -19.05 7.73 -3.27
C ALA A 17 -18.75 6.43 -2.54
N SER A 18 -18.96 5.31 -3.23
CA SER A 18 -18.54 4.01 -2.73
C SER A 18 -17.47 3.44 -3.66
N ILE A 19 -16.47 2.83 -3.05
CA ILE A 19 -15.35 2.23 -3.75
C ILE A 19 -15.21 0.82 -3.21
N THR A 20 -15.28 -0.17 -4.10
CA THR A 20 -15.30 -1.55 -3.67
C THR A 20 -13.96 -2.21 -3.96
N CYS A 21 -13.71 -3.26 -3.20
CA CYS A 21 -12.48 -4.04 -3.31
C CYS A 21 -12.88 -5.49 -3.09
N SER A 22 -12.65 -6.37 -4.07
CA SER A 22 -13.12 -7.74 -3.97
C SER A 22 -11.99 -8.75 -4.08
N GLY A 23 -12.13 -9.81 -3.29
CA GLY A 23 -11.17 -10.90 -3.27
C GLY A 23 -11.79 -12.10 -2.60
N ASP A 24 -11.20 -13.26 -2.89
CA ASP A 24 -11.70 -14.53 -2.36
C ASP A 24 -11.73 -14.50 -0.83
N LYS A 25 -12.92 -14.73 -0.27
CA LYS A 25 -13.26 -14.54 1.14
C LYS A 25 -12.55 -13.38 1.83
N LEU A 26 -12.60 -12.21 1.18
CA LEU A 26 -12.03 -10.99 1.75
C LEU A 26 -12.72 -10.59 3.04
N GLY A 27 -14.01 -10.89 3.17
CA GLY A 27 -14.75 -10.60 4.39
C GLY A 27 -14.16 -11.24 5.62
N ASP A 28 -13.30 -12.25 5.46
CA ASP A 28 -12.65 -12.95 6.56
C ASP A 28 -11.30 -12.37 6.94
N LYS A 29 -10.92 -11.26 6.35
CA LYS A 29 -9.61 -10.64 6.53
C LYS A 29 -9.82 -9.19 6.95
N TYR A 30 -8.81 -8.61 7.60
CA TYR A 30 -8.85 -7.18 7.87
C TYR A 30 -8.42 -6.44 6.61
N VAL A 31 -9.18 -5.42 6.25
CA VAL A 31 -8.90 -4.61 5.08
C VAL A 31 -8.55 -3.21 5.56
N SER A 32 -7.53 -2.62 4.97
CA SER A 32 -7.14 -1.24 5.21
C SER A 32 -7.25 -0.49 3.89
N TRP A 33 -7.53 0.81 3.98
CA TRP A 33 -7.71 1.68 2.82
C TRP A 33 -6.75 2.86 2.88
N TYR A 34 -6.20 3.21 1.71
CA TYR A 34 -5.25 4.31 1.56
C TYR A 34 -5.76 5.30 0.52
N GLN A 35 -5.61 6.59 0.85
CA GLN A 35 -5.90 7.70 -0.03
C GLN A 35 -4.59 8.26 -0.57
N GLN A 36 -4.44 8.30 -1.88
CA GLN A 36 -3.24 8.88 -2.47
C GLN A 36 -3.69 10.01 -3.37
N ARG A 37 -3.61 11.23 -2.85
CA ARG A 37 -3.82 12.38 -3.70
C ARG A 37 -2.76 12.41 -4.79
N PRO A 38 -3.06 12.98 -5.96
CA PRO A 38 -2.09 12.96 -7.07
C PRO A 38 -0.78 13.59 -6.66
N GLY A 39 0.32 12.87 -6.92
CA GLY A 39 1.65 13.35 -6.63
C GLY A 39 2.09 13.24 -5.19
N GLN A 40 1.37 12.50 -4.35
CA GLN A 40 1.63 12.47 -2.92
C GLN A 40 1.78 11.04 -2.40
N SER A 41 2.40 10.93 -1.23
CA SER A 41 2.46 9.65 -0.53
C SER A 41 1.06 9.23 -0.07
N PRO A 42 0.80 7.93 -0.02
CA PRO A 42 -0.51 7.46 0.44
C PRO A 42 -0.73 7.82 1.90
N VAL A 43 -2.00 7.95 2.25
CA VAL A 43 -2.40 8.23 3.61
C VAL A 43 -3.39 7.15 4.01
N LEU A 44 -3.26 6.66 5.24
CA LEU A 44 -4.18 5.66 5.77
C LEU A 44 -5.48 6.36 6.16
N VAL A 45 -6.60 5.91 5.61
CA VAL A 45 -7.89 6.49 5.98
C VAL A 45 -8.81 5.49 6.70
N LEU A 46 -8.62 4.20 6.51
CA LEU A 46 -9.35 3.19 7.27
C LEU A 46 -8.45 2.01 7.59
N TYR A 47 -8.60 1.43 8.78
CA TYR A 47 -7.92 0.19 9.10
C TYR A 47 -8.90 -0.76 9.77
N GLN A 48 -8.58 -2.05 9.72
CA GLN A 48 -9.43 -3.09 10.29
C GLN A 48 -10.86 -2.92 9.81
N ASP A 49 -11.01 -2.89 8.48
CA ASP A 49 -12.26 -2.71 7.76
C ASP A 49 -12.91 -1.34 7.95
N SER A 50 -13.01 -0.83 9.18
CA SER A 50 -13.90 0.30 9.41
C SER A 50 -13.39 1.36 10.38
N LYS A 51 -12.20 1.22 10.95
CA LYS A 51 -11.71 2.17 11.94
C LYS A 51 -10.88 3.27 11.26
N ARG A 52 -11.09 4.55 11.71
CA ARG A 52 -10.46 5.76 11.16
C ARG A 52 -9.29 6.18 12.02
N PRO A 53 -8.11 6.39 11.44
CA PRO A 53 -7.03 7.05 12.20
C PRO A 53 -7.44 8.44 12.65
N SER A 54 -6.69 8.98 13.61
CA SER A 54 -6.88 10.36 14.02
C SER A 54 -6.64 11.30 12.85
N GLY A 55 -7.53 12.27 12.67
CA GLY A 55 -7.43 13.20 11.57
C GLY A 55 -8.31 12.85 10.39
N ILE A 56 -8.80 11.62 10.29
CA ILE A 56 -9.68 11.20 9.21
C ILE A 56 -11.12 11.47 9.64
N PRO A 57 -11.89 12.22 8.87
CA PRO A 57 -13.23 12.62 9.33
C PRO A 57 -14.24 11.48 9.22
N GLU A 58 -15.33 11.62 9.97
CA GLU A 58 -16.32 10.54 10.08
C GLU A 58 -17.12 10.36 8.79
N ARG A 59 -16.92 11.21 7.80
CA ARG A 59 -17.57 10.96 6.52
C ARG A 59 -16.85 9.87 5.70
N PHE A 60 -15.72 9.37 6.18
CA PHE A 60 -15.13 8.14 5.64
C PHE A 60 -15.59 6.95 6.47
N SER A 61 -16.14 5.94 5.82
CA SER A 61 -16.53 4.76 6.57
C SER A 61 -16.34 3.54 5.69
N GLY A 62 -16.32 2.38 6.32
CA GLY A 62 -15.99 1.16 5.62
C GLY A 62 -16.80 -0.02 6.13
N SER A 63 -16.87 -1.04 5.28
CA SER A 63 -17.54 -2.30 5.57
C SER A 63 -16.75 -3.42 4.90
N ASN A 64 -17.04 -4.66 5.31
CA ASN A 64 -16.35 -5.81 4.75
C ASN A 64 -17.19 -7.06 4.98
N SER A 65 -17.51 -7.78 3.89
CA SER A 65 -18.36 -8.94 3.98
C SER A 65 -18.13 -9.83 2.75
N GLY A 66 -18.59 -11.08 2.84
CA GLY A 66 -18.40 -12.05 1.77
C GLY A 66 -17.07 -11.92 1.05
N ASN A 67 -17.09 -11.38 -0.17
CA ASN A 67 -15.86 -11.22 -0.94
C ASN A 67 -15.51 -9.77 -1.22
N THR A 68 -16.10 -8.81 -0.50
CA THR A 68 -15.94 -7.40 -0.89
C THR A 68 -15.84 -6.47 0.32
N ALA A 69 -14.85 -5.60 0.31
CA ALA A 69 -14.76 -4.48 1.23
C ALA A 69 -15.10 -3.20 0.50
N THR A 70 -15.72 -2.29 1.22
CA THR A 70 -16.27 -1.08 0.62
C THR A 70 -15.81 0.11 1.42
N LEU A 71 -15.34 1.14 0.71
CA LEU A 71 -15.05 2.44 1.29
C LEU A 71 -16.14 3.41 0.85
N THR A 72 -16.73 4.11 1.82
CA THR A 72 -17.83 5.02 1.54
C THR A 72 -17.40 6.42 1.98
N ILE A 73 -17.55 7.40 1.08
CA ILE A 73 -17.17 8.78 1.37
C ILE A 73 -18.39 9.65 1.11
N SER A 74 -19.01 10.15 2.17
CA SER A 74 -20.14 11.06 2.03
C SER A 74 -19.67 12.51 1.99
N GLY A 75 -20.53 13.37 1.43
CA GLY A 75 -20.20 14.77 1.23
C GLY A 75 -18.87 14.97 0.55
N THR A 76 -18.66 14.26 -0.57
CA THR A 76 -17.38 14.29 -1.25
C THR A 76 -16.96 15.73 -1.52
N GLN A 77 -15.70 16.03 -1.22
CA GLN A 77 -15.12 17.33 -1.47
C GLN A 77 -14.06 17.21 -2.55
N ALA A 78 -13.71 18.36 -3.15
CA ALA A 78 -12.63 18.38 -4.14
C ALA A 78 -11.36 17.75 -3.59
N MET A 79 -11.06 18.01 -2.32
CA MET A 79 -9.85 17.46 -1.71
C MET A 79 -9.89 15.95 -1.57
N ASP A 80 -11.04 15.32 -1.78
CA ASP A 80 -11.11 13.86 -1.76
C ASP A 80 -10.65 13.24 -3.07
N GLU A 81 -10.47 14.04 -4.12
CA GLU A 81 -9.93 13.51 -5.36
C GLU A 81 -8.58 12.86 -5.11
N ALA A 82 -8.47 11.60 -5.53
CA ALA A 82 -7.35 10.76 -5.13
C ALA A 82 -7.54 9.38 -5.75
N ASP A 83 -6.45 8.60 -5.70
CA ASP A 83 -6.49 7.15 -5.93
C ASP A 83 -6.65 6.45 -4.59
N TYR A 84 -7.66 5.59 -4.49
CA TYR A 84 -7.88 4.83 -3.26
C TYR A 84 -7.49 3.35 -3.46
N TYR A 85 -6.67 2.84 -2.56
CA TYR A 85 -6.21 1.45 -2.63
C TYR A 85 -6.66 0.68 -1.39
N CYS A 86 -7.26 -0.47 -1.61
CA CYS A 86 -7.48 -1.38 -0.50
C CYS A 86 -6.22 -2.23 -0.34
N GLN A 87 -5.97 -2.73 0.87
CA GLN A 87 -4.91 -3.70 1.07
C GLN A 87 -5.39 -4.81 2.03
N ALA A 88 -4.78 -5.99 1.90
CA ALA A 88 -5.03 -7.11 2.80
C ALA A 88 -3.82 -8.03 2.79
N TRP A 89 -3.71 -8.85 3.84
CA TRP A 89 -2.67 -9.86 3.91
C TRP A 89 -3.28 -11.23 3.57
N ASP A 90 -2.59 -11.99 2.73
CA ASP A 90 -2.96 -13.38 2.48
C ASP A 90 -1.67 -14.18 2.54
N SER A 91 -1.59 -15.10 3.50
CA SER A 91 -0.47 -16.04 3.58
C SER A 91 0.88 -15.32 3.60
N SER A 92 1.02 -14.39 4.56
CA SER A 92 2.27 -13.65 4.77
C SER A 92 2.72 -12.91 3.53
N ALA A 93 1.79 -12.59 2.64
CA ALA A 93 2.01 -11.66 1.54
C ALA A 93 1.05 -10.48 1.68
N LEU A 94 1.55 -9.27 1.47
CA LEU A 94 0.72 -8.07 1.43
C LEU A 94 0.26 -7.80 0.01
N VAL A 95 -1.06 -7.65 -0.19
CA VAL A 95 -1.66 -7.49 -1.51
C VAL A 95 -2.37 -6.15 -1.55
N PHE A 96 -2.25 -5.44 -2.66
CA PHE A 96 -3.00 -4.21 -2.87
C PHE A 96 -4.01 -4.42 -3.98
N GLY A 97 -5.18 -3.80 -3.85
CA GLY A 97 -6.06 -3.67 -4.99
C GLY A 97 -5.43 -2.80 -6.05
N GLY A 98 -6.03 -2.84 -7.24
CA GLY A 98 -5.47 -2.07 -8.34
C GLY A 98 -5.68 -0.57 -8.23
N GLY A 99 -6.43 -0.12 -7.24
CA GLY A 99 -6.70 1.31 -7.10
C GLY A 99 -7.90 1.80 -7.88
N THR A 100 -8.67 2.69 -7.27
CA THR A 100 -9.80 3.36 -7.89
C THR A 100 -9.52 4.86 -7.93
N LYS A 101 -9.59 5.44 -9.12
CA LYS A 101 -9.38 6.87 -9.27
C LYS A 101 -10.71 7.58 -9.04
N LEU A 102 -10.80 8.35 -7.96
CA LEU A 102 -11.99 9.11 -7.62
C LEU A 102 -11.87 10.53 -8.19
N THR A 103 -12.86 10.92 -9.00
CA THR A 103 -12.94 12.27 -9.57
C THR A 103 -14.13 12.99 -8.95
N VAL A 104 -13.91 14.21 -8.48
CA VAL A 104 -14.97 15.03 -7.92
C VAL A 104 -15.19 16.19 -8.89
N LEU A 105 -16.21 16.10 -9.72
CA LEU A 105 -16.50 17.11 -10.71
C LEU A 105 -17.90 16.91 -11.28
N GLY B 7 14.85 12.74 -4.54
CA GLY B 7 13.42 12.57 -4.77
C GLY B 7 13.08 12.09 -6.17
N ALA B 8 14.04 12.21 -7.09
CA ALA B 8 13.93 11.68 -8.45
C ALA B 8 15.34 11.34 -8.94
N GLU B 9 15.52 10.09 -9.39
CA GLU B 9 16.82 9.59 -9.82
C GLU B 9 16.67 8.93 -11.18
N VAL B 10 17.77 8.88 -11.94
CA VAL B 10 17.83 8.24 -13.25
C VAL B 10 18.90 7.14 -13.19
N LYS B 11 18.49 5.90 -13.41
CA LYS B 11 19.40 4.77 -13.42
C LYS B 11 19.49 4.18 -14.83
N LYS B 12 20.68 3.64 -15.17
CA LYS B 12 20.78 2.99 -16.47
C LYS B 12 20.33 1.53 -16.38
N PRO B 13 19.89 0.97 -17.50
CA PRO B 13 19.48 -0.44 -17.51
C PRO B 13 20.59 -1.35 -16.99
N GLY B 14 20.21 -2.35 -16.21
CA GLY B 14 21.18 -3.23 -15.61
C GLY B 14 21.84 -2.71 -14.34
N SER B 15 21.63 -1.45 -13.98
CA SER B 15 22.19 -0.92 -12.75
C SER B 15 21.30 -1.32 -11.57
N SER B 16 21.66 -0.82 -10.39
CA SER B 16 20.98 -1.18 -9.16
C SER B 16 20.50 0.08 -8.46
N VAL B 17 19.43 -0.05 -7.68
CA VAL B 17 18.94 1.03 -6.82
C VAL B 17 18.75 0.50 -5.41
N LYS B 18 19.15 1.29 -4.42
CA LYS B 18 18.87 1.00 -3.01
C LYS B 18 17.94 2.06 -2.43
N VAL B 19 16.88 1.59 -1.77
CA VAL B 19 15.92 2.43 -1.08
C VAL B 19 16.08 2.14 0.41
N SER B 20 16.47 3.15 1.18
CA SER B 20 16.71 2.92 2.60
C SER B 20 15.60 3.54 3.43
N CYS B 21 15.32 2.91 4.58
CA CYS B 21 14.27 3.33 5.49
C CYS B 21 14.82 3.35 6.92
N GLU B 22 14.32 4.27 7.74
CA GLU B 22 14.74 4.34 9.13
C GLU B 22 14.32 3.07 9.86
N ALA B 23 15.29 2.37 10.44
CA ALA B 23 15.00 1.13 11.15
C ALA B 23 14.62 1.41 12.59
N ASN B 30 6.87 0.26 18.55
CA ASN B 30 7.45 -0.91 17.92
C ASN B 30 6.85 -1.02 16.52
N TYR B 31 7.68 -1.01 15.47
CA TYR B 31 7.17 -0.74 14.14
C TYR B 31 7.58 -1.80 13.13
N VAL B 32 6.83 -1.84 12.04
CA VAL B 32 7.10 -2.66 10.88
C VAL B 32 7.44 -1.74 9.73
N ILE B 33 8.49 -2.07 8.98
CA ILE B 33 8.88 -1.30 7.80
C ILE B 33 8.39 -2.04 6.56
N THR B 34 7.84 -1.32 5.59
CA THR B 34 7.46 -1.97 4.35
C THR B 34 7.88 -1.11 3.17
N TRP B 35 8.25 -1.79 2.08
CA TRP B 35 8.65 -1.12 0.85
C TRP B 35 7.59 -1.37 -0.22
N VAL B 36 7.14 -0.30 -0.87
CA VAL B 36 6.09 -0.38 -1.87
C VAL B 36 6.52 0.46 -3.07
N ARG B 37 6.16 0.02 -4.27
CA ARG B 37 6.45 0.85 -5.44
C ARG B 37 5.18 1.05 -6.25
N GLN B 38 5.14 2.20 -6.93
CA GLN B 38 4.00 2.64 -7.72
C GLN B 38 4.49 2.85 -9.15
N ALA B 39 4.32 1.86 -9.98
CA ALA B 39 4.67 1.93 -11.38
C ALA B 39 3.58 2.68 -12.15
N PRO B 40 3.96 3.56 -13.07
CA PRO B 40 2.94 4.37 -13.75
C PRO B 40 1.90 3.46 -14.41
N GLY B 41 0.65 3.67 -14.04
CA GLY B 41 -0.43 2.85 -14.54
C GLY B 41 -0.51 1.45 -13.99
N GLN B 42 0.00 1.21 -12.77
CA GLN B 42 -0.04 -0.15 -12.23
C GLN B 42 -0.34 -0.19 -10.73
N GLY B 43 -0.72 0.92 -10.11
CA GLY B 43 -1.06 0.87 -8.71
C GLY B 43 0.14 0.56 -7.83
N LEU B 44 -0.16 0.20 -6.59
CA LEU B 44 0.89 -0.12 -5.62
C LEU B 44 1.20 -1.61 -5.62
N GLU B 45 2.50 -1.94 -5.50
CA GLU B 45 2.92 -3.32 -5.40
C GLU B 45 3.93 -3.47 -4.27
N TRP B 46 3.67 -4.42 -3.40
CA TRP B 46 4.54 -4.69 -2.27
C TRP B 46 5.88 -5.23 -2.75
N MET B 47 6.96 -4.77 -2.13
CA MET B 47 8.26 -5.32 -2.43
C MET B 47 8.85 -6.14 -1.29
N GLY B 48 8.35 -5.99 -0.08
CA GLY B 48 8.81 -6.76 1.05
C GLY B 48 8.71 -5.92 2.30
N GLY B 49 9.09 -6.54 3.42
CA GLY B 49 8.95 -5.89 4.71
C GLY B 49 10.06 -6.30 5.67
N PHE B 50 10.15 -5.54 6.76
CA PHE B 50 11.25 -5.71 7.70
C PHE B 50 10.81 -5.23 9.07
N ILE B 51 11.07 -6.04 10.08
CA ILE B 51 10.71 -5.68 11.45
C ILE B 51 11.98 -5.49 12.27
N PRO B 52 12.37 -4.25 12.56
CA PRO B 52 13.66 -4.01 13.24
C PRO B 52 13.84 -4.78 14.56
N ASP B 53 12.84 -4.84 15.44
CA ASP B 53 13.08 -5.45 16.74
C ASP B 53 13.30 -6.95 16.66
N PHE B 54 12.83 -7.60 15.60
CA PHE B 54 13.00 -9.04 15.42
C PHE B 54 13.89 -9.39 14.24
N ARG B 55 14.35 -8.40 13.48
CA ARG B 55 15.28 -8.59 12.36
C ARG B 55 14.71 -9.51 11.27
N THR B 56 13.40 -9.65 11.19
CA THR B 56 12.75 -10.54 10.23
C THR B 56 12.41 -9.78 8.96
N ALA B 57 12.88 -10.29 7.83
CA ALA B 57 12.58 -9.76 6.51
C ALA B 57 11.65 -10.71 5.76
N MET B 58 10.54 -10.19 5.24
CA MET B 58 9.66 -10.88 4.28
C MET B 58 9.85 -10.35 2.88
N TYR B 59 9.94 -11.27 1.93
CA TYR B 59 10.10 -10.95 0.52
C TYR B 59 8.78 -11.08 -0.23
N ALA B 60 8.51 -10.11 -1.10
CA ALA B 60 7.38 -10.18 -1.98
C ALA B 60 7.68 -11.06 -3.19
N GLN B 61 6.61 -11.56 -3.80
CA GLN B 61 6.70 -12.31 -5.04
C GLN B 61 6.70 -11.37 -6.24
N GLY B 62 7.38 -11.79 -7.30
CA GLY B 62 7.25 -11.15 -8.59
C GLY B 62 8.42 -10.30 -9.06
N PHE B 63 9.55 -10.32 -8.35
CA PHE B 63 10.70 -9.52 -8.75
C PHE B 63 11.86 -10.38 -9.23
N GLN B 64 11.59 -11.61 -9.66
CA GLN B 64 12.59 -12.51 -10.22
C GLN B 64 13.81 -12.64 -9.31
N GLY B 65 13.60 -12.55 -8.00
CA GLY B 65 14.68 -12.76 -7.07
C GLY B 65 15.72 -11.65 -7.00
N ARG B 66 15.42 -10.47 -7.54
CA ARG B 66 16.48 -9.47 -7.58
C ARG B 66 16.31 -8.40 -6.51
N VAL B 67 15.51 -8.68 -5.48
CA VAL B 67 15.39 -7.82 -4.31
C VAL B 67 16.25 -8.39 -3.18
N THR B 68 16.98 -7.53 -2.48
CA THR B 68 17.64 -7.91 -1.23
C THR B 68 17.26 -6.92 -0.13
N ILE B 69 16.88 -7.44 1.03
CA ILE B 69 16.49 -6.61 2.17
C ILE B 69 17.56 -6.79 3.25
N THR B 70 18.20 -5.69 3.64
CA THR B 70 19.30 -5.72 4.59
C THR B 70 19.15 -4.56 5.55
N ALA B 71 19.95 -4.59 6.61
CA ALA B 71 19.92 -3.56 7.63
C ALA B 71 21.31 -3.43 8.23
N ASP B 72 21.61 -2.23 8.75
CA ASP B 72 22.93 -1.99 9.33
C ASP B 72 23.00 -2.43 10.80
N LEU B 77 19.13 2.18 9.95
CA LEU B 77 18.77 2.06 8.54
C LEU B 77 18.52 0.62 8.08
N ALA B 78 17.38 0.37 7.45
CA ALA B 78 17.14 -0.84 6.68
C ALA B 78 17.18 -0.47 5.20
N TYR B 79 17.50 -1.44 4.34
CA TYR B 79 17.67 -1.19 2.91
C TYR B 79 16.91 -2.21 2.09
N MET B 80 16.26 -1.74 1.02
CA MET B 80 15.72 -2.59 -0.02
C MET B 80 16.54 -2.31 -1.26
N GLU B 81 17.24 -3.32 -1.76
CA GLU B 81 18.03 -3.19 -2.98
C GLU B 81 17.39 -4.00 -4.10
N LEU B 82 17.20 -3.35 -5.25
CA LEU B 82 16.70 -3.96 -6.47
C LEU B 82 17.79 -3.91 -7.53
N THR B 83 18.25 -5.09 -7.96
CA THR B 83 19.34 -5.19 -8.93
C THR B 83 18.80 -5.39 -10.33
N ASN B 84 19.68 -5.20 -11.31
CA ASN B 84 19.41 -5.52 -12.71
C ASN B 84 18.16 -4.79 -13.20
N LEU B 85 18.19 -3.48 -13.04
CA LEU B 85 17.03 -2.64 -13.33
C LEU B 85 16.67 -2.70 -14.81
N ARG B 86 15.38 -2.66 -15.11
CA ARG B 86 14.92 -2.50 -16.48
C ARG B 86 13.80 -1.47 -16.51
N SER B 87 13.42 -1.09 -17.73
CA SER B 87 12.47 0.00 -17.93
C SER B 87 11.16 -0.25 -17.18
N GLU B 88 10.76 -1.51 -17.02
CA GLU B 88 9.57 -1.86 -16.25
C GLU B 88 9.71 -1.53 -14.77
N ASP B 89 10.92 -1.30 -14.29
CA ASP B 89 11.16 -0.95 -12.90
C ASP B 89 11.02 0.54 -12.63
N THR B 90 10.86 1.36 -13.67
CA THR B 90 10.54 2.78 -13.49
C THR B 90 9.28 2.92 -12.66
N ALA B 91 9.37 3.64 -11.54
CA ALA B 91 8.28 3.73 -10.56
C ALA B 91 8.69 4.69 -9.46
N VAL B 92 7.72 5.02 -8.61
CA VAL B 92 7.96 5.74 -7.36
C VAL B 92 8.10 4.70 -6.25
N TYR B 93 9.18 4.80 -5.47
CA TYR B 93 9.47 3.85 -4.41
C TYR B 93 9.27 4.51 -3.06
N TYR B 94 8.47 3.88 -2.20
CA TYR B 94 8.17 4.37 -0.87
C TYR B 94 8.67 3.45 0.23
N CYS B 95 9.10 4.09 1.33
CA CYS B 95 9.18 3.51 2.66
C CYS B 95 7.84 3.73 3.34
N ALA B 96 7.35 2.71 4.06
CA ALA B 96 6.18 2.90 4.89
C ALA B 96 6.38 2.22 6.25
N ARG B 97 5.66 2.72 7.24
CA ARG B 97 5.85 2.34 8.63
C ARG B 97 4.48 2.14 9.27
N GLY B 98 4.38 1.12 10.12
CA GLY B 98 3.14 0.83 10.80
C GLY B 98 3.38 0.11 12.10
N PRO B 99 2.35 0.00 12.93
CA PRO B 99 2.54 -0.61 14.26
C PRO B 99 2.70 -2.12 14.14
N LEU B 100 3.49 -2.67 15.07
CA LEU B 100 3.73 -4.09 15.12
C LEU B 100 2.42 -4.87 15.19
N SER B 101 2.33 -5.94 14.40
CA SER B 101 1.24 -6.91 14.43
C SER B 101 -0.07 -6.36 13.88
N ARG B 102 -0.12 -5.10 13.52
CA ARG B 102 -1.28 -4.49 12.88
C ARG B 102 -0.92 -4.35 11.41
N GLY B 103 -1.64 -5.05 10.56
CA GLY B 103 -1.13 -5.17 9.21
C GLY B 103 -1.22 -3.96 8.32
N TYR B 104 -1.29 -2.74 8.88
CA TYR B 104 -1.48 -1.53 8.10
C TYR B 104 -0.30 -0.57 8.34
N TYR B 105 -0.21 0.45 7.49
CA TYR B 105 0.91 1.38 7.51
C TYR B 105 0.39 2.82 7.61
N ASP B 106 0.59 3.44 8.78
CA ASP B 106 0.03 4.76 9.05
C ASP B 106 0.96 5.90 8.66
N TYR B 107 2.20 5.63 8.30
CA TYR B 107 3.11 6.68 7.86
C TYR B 107 3.83 6.20 6.62
N TRP B 108 3.67 6.95 5.55
CA TRP B 108 4.40 6.70 4.31
C TRP B 108 5.39 7.82 4.10
N GLY B 109 6.63 7.47 3.83
CA GLY B 109 7.63 8.46 3.57
C GLY B 109 7.40 9.13 2.23
N PRO B 110 8.22 10.12 1.93
CA PRO B 110 8.16 10.73 0.60
C PRO B 110 8.62 9.72 -0.44
N GLY B 111 8.00 9.77 -1.59
CA GLY B 111 8.40 8.85 -2.64
C GLY B 111 9.73 9.24 -3.24
N THR B 112 10.36 8.27 -3.90
CA THR B 112 11.52 8.53 -4.74
C THR B 112 11.21 8.01 -6.13
N LEU B 113 11.13 8.91 -7.10
CA LEU B 113 10.97 8.49 -8.47
C LEU B 113 12.29 7.90 -8.97
N VAL B 114 12.22 6.71 -9.53
CA VAL B 114 13.37 6.08 -10.17
C VAL B 114 13.02 5.88 -11.64
N THR B 115 13.75 6.56 -12.52
CA THR B 115 13.53 6.52 -13.96
C THR B 115 14.65 5.71 -14.59
N VAL B 116 14.29 4.55 -15.16
CA VAL B 116 15.25 3.65 -15.78
C VAL B 116 15.20 3.87 -17.29
N SER B 117 16.33 4.26 -17.87
CA SER B 117 16.49 4.35 -19.32
C SER B 117 17.97 4.47 -19.70
N THR C 1 2.87 -18.45 8.47
CA THR C 1 2.14 -18.86 9.66
C THR C 1 2.93 -18.48 10.92
N GLY C 2 2.39 -18.89 12.07
CA GLY C 2 3.14 -18.82 13.31
C GLY C 2 3.19 -17.43 13.90
N TRP C 3 4.10 -17.29 14.87
CA TRP C 3 4.27 -15.98 15.47
C TRP C 3 4.97 -15.02 14.52
N LEU C 4 5.87 -15.53 13.68
CA LEU C 4 6.50 -14.71 12.65
C LEU C 4 5.47 -13.90 11.88
N ALA C 5 4.50 -14.57 11.26
CA ALA C 5 3.46 -13.86 10.53
C ALA C 5 2.68 -12.91 11.43
N GLY C 6 2.46 -13.29 12.71
CA GLY C 6 1.74 -12.43 13.61
C GLY C 6 2.45 -11.12 13.92
N LEU C 7 3.75 -11.06 13.64
CA LEU C 7 4.49 -9.79 13.75
C LEU C 7 4.02 -8.80 12.69
N PHE C 8 3.81 -9.28 11.46
CA PHE C 8 3.40 -8.40 10.37
C PHE C 8 1.91 -8.13 10.39
N TYR C 9 1.09 -9.14 10.70
CA TYR C 9 -0.34 -8.93 10.76
C TYR C 9 -0.96 -9.99 11.65
N GLN C 10 -2.00 -9.60 12.37
CA GLN C 10 -2.74 -10.56 13.16
C GLN C 10 -4.09 -10.77 12.50
N HIS C 11 -4.43 -12.04 12.27
CA HIS C 11 -5.57 -12.38 11.44
C HIS C 11 -6.88 -11.93 12.06
N LYS C 12 -7.82 -11.55 11.21
CA LYS C 12 -9.22 -11.42 11.62
C LYS C 12 -9.67 -12.64 12.40
#